data_6GQM
#
_entry.id   6GQM
#
_cell.length_a   87.970
_cell.length_b   90.180
_cell.length_c   91.150
_cell.angle_alpha   90.00
_cell.angle_beta   90.00
_cell.angle_gamma   90.00
#
_symmetry.space_group_name_H-M   'P 21 21 21'
#
loop_
_entity.id
_entity.type
_entity.pdbx_description
1 polymer 'Mast/stem cell growth factor receptor Kit'
2 non-polymer ~{N}-[4-[[5-fluoranyl-7-(2-methoxyethoxy)quinazolin-4-yl]amino]phenyl]-2-(4-propan-2-yl-1,2,3-triazol-1-yl)ethanamide
3 non-polymer 'CHLORIDE ION'
4 water water
#
_entity_poly.entity_id   1
_entity_poly.type   'polypeptide(L)'
_entity_poly.pdbx_seq_one_letter_code
;GSHMPMYEVQWKVVEESNGNNYSYIDPTQLPYDHKWEFPRNRLSFGKTLGAGAFGKVVEATAQGLIKSDAAMTVAVKMLK
PSAHSTEREALMSELKVLSYLGNHENIVNLLGACTHGGPTLVITEYCCYGDLLNFLRRKRDEFVPYKVAPEDLYKDFLTL
EHLLSFSYQVAKGMAFLASKNCIHRDLAARNILLTHGNITKICDFGLARDIKNDSNYVDKGNARLPVKWMAPESIFNSVY
TFESDVWSYGIFLWELFSLGSSPYPGMPVDSKFYKMIKEGFRMSSPEYAPAEMYDIMKTCWDADPDKRPTFKQIVQDIEK
QISESTNH
;
_entity_poly.pdbx_strand_id   A,B
#
loop_
_chem_comp.id
_chem_comp.type
_chem_comp.name
_chem_comp.formula
CL non-polymer 'CHLORIDE ION' 'Cl -1'
F8H non-polymer ~{N}-[4-[[5-fluoranyl-7-(2-methoxyethoxy)quinazolin-4-yl]amino]phenyl]-2-(4-propan-2-yl-1,2,3-triazol-1-yl)ethanamide 'C24 H26 F N7 O3'
#
# COMPACT_ATOMS: atom_id res chain seq x y z
N SER A 23 -19.47 -20.09 19.24
CA SER A 23 -20.46 -19.16 18.67
C SER A 23 -21.55 -18.74 19.66
N TYR A 24 -21.57 -17.43 19.91
CA TYR A 24 -22.51 -16.74 20.80
C TYR A 24 -23.67 -16.16 20.00
N ILE A 25 -23.42 -15.83 18.73
CA ILE A 25 -24.39 -15.23 17.82
C ILE A 25 -24.52 -16.07 16.51
N ASP A 26 -25.76 -16.20 16.04
CA ASP A 26 -26.08 -16.89 14.80
C ASP A 26 -25.92 -15.89 13.64
N PRO A 27 -24.86 -16.09 12.80
CA PRO A 27 -24.60 -15.17 11.68
C PRO A 27 -25.71 -15.08 10.64
N THR A 28 -26.47 -16.19 10.42
CA THR A 28 -27.59 -16.25 9.48
C THR A 28 -28.72 -15.28 9.88
N GLN A 29 -28.85 -15.00 11.20
CA GLN A 29 -29.90 -14.14 11.75
C GLN A 29 -29.50 -12.67 11.82
N LEU A 30 -28.21 -12.36 11.52
CA LEU A 30 -27.71 -10.98 11.50
C LEU A 30 -28.24 -10.25 10.27
N PRO A 31 -28.54 -8.94 10.34
CA PRO A 31 -29.08 -8.28 9.15
C PRO A 31 -28.01 -7.78 8.17
N TYR A 32 -28.37 -7.75 6.88
CA TYR A 32 -27.55 -7.16 5.84
C TYR A 32 -28.15 -5.78 5.49
N ASP A 33 -27.37 -4.69 5.66
CA ASP A 33 -27.82 -3.33 5.34
C ASP A 33 -27.72 -3.12 3.81
N HIS A 34 -28.85 -2.81 3.16
CA HIS A 34 -28.91 -2.63 1.71
C HIS A 34 -28.24 -1.34 1.22
N LYS A 35 -27.69 -0.53 2.14
CA LYS A 35 -26.87 0.65 1.84
C LYS A 35 -25.54 0.17 1.14
N TRP A 36 -25.11 -1.11 1.42
CA TRP A 36 -23.91 -1.73 0.83
C TRP A 36 -24.08 -2.15 -0.63
N GLU A 37 -25.33 -2.31 -1.12
CA GLU A 37 -25.63 -2.75 -2.48
C GLU A 37 -24.94 -1.90 -3.55
N PHE A 38 -24.16 -2.58 -4.42
CA PHE A 38 -23.32 -2.00 -5.45
C PHE A 38 -23.60 -2.68 -6.80
N PRO A 39 -23.66 -1.94 -7.94
CA PRO A 39 -23.94 -2.61 -9.23
C PRO A 39 -22.74 -3.44 -9.70
N ARG A 40 -22.95 -4.75 -9.94
CA ARG A 40 -21.85 -5.64 -10.38
C ARG A 40 -21.23 -5.22 -11.75
N ASN A 41 -22.01 -4.57 -12.65
CA ASN A 41 -21.54 -4.11 -13.95
C ASN A 41 -20.47 -2.97 -13.82
N ARG A 42 -20.36 -2.38 -12.61
CA ARG A 42 -19.40 -1.32 -12.29
C ARG A 42 -18.06 -1.92 -11.73
N LEU A 43 -17.91 -3.26 -11.82
CA LEU A 43 -16.72 -4.00 -11.38
C LEU A 43 -15.96 -4.61 -12.57
N SER A 44 -14.63 -4.42 -12.59
CA SER A 44 -13.73 -4.97 -13.62
C SER A 44 -12.76 -5.93 -12.90
N PHE A 45 -12.97 -7.24 -13.09
CA PHE A 45 -12.16 -8.27 -12.43
C PHE A 45 -10.79 -8.48 -13.05
N GLY A 46 -9.78 -8.41 -12.20
CA GLY A 46 -8.38 -8.63 -12.55
C GLY A 46 -7.92 -10.00 -12.10
N LYS A 47 -6.69 -10.07 -11.59
CA LYS A 47 -6.08 -11.34 -11.15
C LYS A 47 -6.66 -11.90 -9.84
N THR A 48 -6.60 -13.25 -9.72
CA THR A 48 -7.00 -13.98 -8.53
C THR A 48 -5.90 -13.78 -7.48
N LEU A 49 -6.28 -13.34 -6.28
CA LEU A 49 -5.37 -13.08 -5.16
C LEU A 49 -5.25 -14.32 -4.26
N GLY A 50 -6.24 -15.18 -4.33
CA GLY A 50 -6.30 -16.40 -3.53
C GLY A 50 -7.50 -17.23 -3.88
N ALA A 51 -7.35 -18.54 -3.88
CA ALA A 51 -8.45 -19.44 -4.22
C ALA A 51 -8.38 -20.74 -3.43
N GLY A 52 -9.55 -21.23 -3.09
CA GLY A 52 -9.73 -22.53 -2.46
C GLY A 52 -10.54 -23.40 -3.39
N ALA A 53 -11.04 -24.53 -2.88
CA ALA A 53 -11.85 -25.46 -3.65
C ALA A 53 -13.22 -24.84 -4.12
N PHE A 54 -13.85 -23.98 -3.29
CA PHE A 54 -15.19 -23.43 -3.56
C PHE A 54 -15.31 -21.91 -3.72
N GLY A 55 -14.25 -21.21 -3.37
CA GLY A 55 -14.26 -19.75 -3.44
C GLY A 55 -12.92 -19.15 -3.81
N LYS A 56 -12.96 -17.87 -4.17
CA LYS A 56 -11.76 -17.12 -4.55
C LYS A 56 -11.90 -15.64 -4.20
N VAL A 57 -10.76 -14.97 -4.12
CA VAL A 57 -10.64 -13.55 -3.95
C VAL A 57 -9.98 -13.02 -5.20
N VAL A 58 -10.61 -12.04 -5.84
CA VAL A 58 -10.12 -11.44 -7.06
C VAL A 58 -9.88 -9.94 -6.82
N GLU A 59 -8.81 -9.40 -7.44
CA GLU A 59 -8.53 -7.97 -7.43
C GLU A 59 -9.51 -7.35 -8.45
N ALA A 60 -10.13 -6.23 -8.13
CA ALA A 60 -11.06 -5.60 -9.06
C ALA A 60 -11.01 -4.09 -9.01
N THR A 61 -11.51 -3.46 -10.08
CA THR A 61 -11.63 -2.02 -10.19
C THR A 61 -13.13 -1.71 -10.03
N ALA A 62 -13.45 -0.86 -9.05
CA ALA A 62 -14.81 -0.44 -8.75
C ALA A 62 -15.03 1.00 -9.24
N GLN A 63 -15.97 1.19 -10.17
CA GLN A 63 -16.28 2.50 -10.73
C GLN A 63 -17.49 3.08 -10.00
N GLY A 64 -17.38 4.32 -9.55
CA GLY A 64 -18.45 4.99 -8.82
C GLY A 64 -18.57 4.63 -7.35
N LEU A 65 -17.51 4.02 -6.78
CA LEU A 65 -17.48 3.67 -5.36
C LEU A 65 -17.08 4.94 -4.60
N ILE A 66 -16.27 5.80 -5.24
CA ILE A 66 -15.82 7.10 -4.74
C ILE A 66 -16.91 8.11 -5.19
N LYS A 67 -17.24 9.10 -4.33
CA LYS A 67 -18.24 10.15 -4.58
C LYS A 67 -18.07 10.86 -5.93
N SER A 68 -16.81 11.18 -6.30
CA SER A 68 -16.44 11.80 -7.58
C SER A 68 -16.28 10.69 -8.64
N ASP A 69 -16.29 11.04 -9.94
CA ASP A 69 -16.13 10.06 -11.03
C ASP A 69 -14.67 9.53 -11.09
N ALA A 70 -14.34 8.62 -10.14
CA ALA A 70 -13.01 8.03 -9.99
C ALA A 70 -13.10 6.54 -9.62
N ALA A 71 -12.18 5.74 -10.19
CA ALA A 71 -12.09 4.30 -9.99
C ALA A 71 -11.14 3.94 -8.84
N MET A 72 -11.43 2.81 -8.17
CA MET A 72 -10.58 2.35 -7.09
C MET A 72 -10.44 0.84 -7.07
N THR A 73 -9.25 0.39 -6.62
CA THR A 73 -8.92 -1.02 -6.48
C THR A 73 -9.54 -1.56 -5.21
N VAL A 74 -10.20 -2.70 -5.36
CA VAL A 74 -10.90 -3.41 -4.30
C VAL A 74 -10.56 -4.91 -4.38
N ALA A 75 -10.94 -5.67 -3.34
CA ALA A 75 -10.84 -7.13 -3.32
C ALA A 75 -12.29 -7.64 -3.35
N VAL A 76 -12.56 -8.69 -4.14
CA VAL A 76 -13.90 -9.27 -4.29
C VAL A 76 -13.84 -10.75 -3.97
N LYS A 77 -14.65 -11.17 -2.99
CA LYS A 77 -14.77 -12.56 -2.65
C LYS A 77 -16.04 -13.09 -3.32
N MET A 78 -15.91 -14.22 -4.01
CA MET A 78 -17.01 -14.87 -4.72
C MET A 78 -16.84 -16.39 -4.70
N LEU A 79 -17.93 -17.10 -4.96
CA LEU A 79 -17.85 -18.55 -5.02
C LEU A 79 -17.57 -19.02 -6.43
N LYS A 80 -16.98 -20.21 -6.56
CA LYS A 80 -16.67 -20.88 -7.84
C LYS A 80 -17.88 -21.74 -8.25
N PRO A 81 -18.05 -22.14 -9.55
CA PRO A 81 -19.19 -23.02 -9.91
C PRO A 81 -19.22 -24.37 -9.17
N SER A 82 -18.12 -24.72 -8.48
CA SER A 82 -17.92 -25.92 -7.66
C SER A 82 -18.69 -25.87 -6.32
N ALA A 83 -19.04 -24.66 -5.84
CA ALA A 83 -19.71 -24.44 -4.55
C ALA A 83 -21.14 -25.02 -4.49
N HIS A 84 -21.54 -25.42 -3.29
CA HIS A 84 -22.88 -25.99 -3.04
C HIS A 84 -23.68 -25.01 -2.13
N SER A 85 -24.87 -25.44 -1.68
CA SER A 85 -25.78 -24.67 -0.83
C SER A 85 -25.15 -24.22 0.48
N THR A 86 -24.28 -25.08 1.08
CA THR A 86 -23.54 -24.80 2.32
C THR A 86 -22.62 -23.59 2.13
N GLU A 87 -21.87 -23.57 1.00
CA GLU A 87 -20.91 -22.49 0.68
C GLU A 87 -21.63 -21.20 0.33
N ARG A 88 -22.82 -21.29 -0.32
CA ARG A 88 -23.65 -20.13 -0.67
C ARG A 88 -24.15 -19.44 0.59
N GLU A 89 -24.63 -20.23 1.57
CA GLU A 89 -25.07 -19.76 2.89
C GLU A 89 -23.89 -19.17 3.68
N ALA A 90 -22.70 -19.81 3.63
CA ALA A 90 -21.50 -19.33 4.34
C ALA A 90 -21.06 -17.95 3.84
N LEU A 91 -21.10 -17.70 2.50
CA LEU A 91 -20.73 -16.40 1.96
C LEU A 91 -21.75 -15.29 2.37
N MET A 92 -23.06 -15.62 2.40
CA MET A 92 -24.10 -14.71 2.84
C MET A 92 -23.94 -14.41 4.34
N SER A 93 -23.65 -15.44 5.14
CA SER A 93 -23.37 -15.31 6.58
C SER A 93 -22.18 -14.38 6.82
N GLU A 94 -21.11 -14.49 5.99
CA GLU A 94 -19.92 -13.63 6.10
C GLU A 94 -20.29 -12.16 5.82
N LEU A 95 -21.09 -11.95 4.74
CA LEU A 95 -21.58 -10.64 4.39
C LEU A 95 -22.38 -9.98 5.56
N LYS A 96 -23.33 -10.75 6.19
CA LYS A 96 -24.14 -10.27 7.31
C LYS A 96 -23.26 -9.87 8.50
N VAL A 97 -22.22 -10.67 8.83
CA VAL A 97 -21.25 -10.42 9.91
C VAL A 97 -20.50 -9.11 9.61
N LEU A 98 -20.00 -8.93 8.37
CA LEU A 98 -19.25 -7.72 7.97
C LEU A 98 -20.10 -6.46 8.06
N SER A 99 -21.38 -6.58 7.66
CA SER A 99 -22.34 -5.48 7.70
C SER A 99 -22.65 -5.12 9.16
N TYR A 100 -22.86 -6.14 10.00
CA TYR A 100 -23.14 -6.05 11.42
C TYR A 100 -21.99 -5.40 12.22
N LEU A 101 -20.75 -5.78 11.91
CA LEU A 101 -19.56 -5.27 12.58
C LEU A 101 -19.32 -3.78 12.35
N GLY A 102 -19.53 -3.34 11.11
CA GLY A 102 -19.24 -1.99 10.66
C GLY A 102 -17.73 -1.80 10.51
N ASN A 103 -17.31 -0.63 10.08
CA ASN A 103 -15.90 -0.39 9.87
C ASN A 103 -15.09 -0.23 11.17
N HIS A 104 -13.87 -0.78 11.15
CA HIS A 104 -12.86 -0.71 12.21
C HIS A 104 -11.49 -0.69 11.56
N GLU A 105 -10.61 0.16 12.08
CA GLU A 105 -9.23 0.36 11.63
C GLU A 105 -8.40 -0.97 11.50
N ASN A 106 -8.54 -1.90 12.48
CA ASN A 106 -7.75 -3.13 12.57
C ASN A 106 -8.40 -4.36 11.91
N ILE A 107 -9.48 -4.16 11.14
CA ILE A 107 -10.19 -5.25 10.44
C ILE A 107 -10.30 -4.86 8.96
N VAL A 108 -10.35 -5.86 8.05
CA VAL A 108 -10.61 -5.60 6.64
C VAL A 108 -12.05 -5.04 6.55
N ASN A 109 -12.21 -3.91 5.90
CA ASN A 109 -13.56 -3.35 5.89
C ASN A 109 -14.33 -3.61 4.62
N LEU A 110 -15.63 -3.76 4.82
CA LEU A 110 -16.63 -3.94 3.77
C LEU A 110 -16.81 -2.61 3.05
N LEU A 111 -16.81 -2.65 1.71
CA LEU A 111 -16.96 -1.48 0.86
C LEU A 111 -18.30 -1.54 0.14
N GLY A 112 -18.78 -2.76 -0.08
CA GLY A 112 -20.05 -3.02 -0.74
C GLY A 112 -20.28 -4.49 -1.03
N ALA A 113 -21.40 -4.79 -1.67
CA ALA A 113 -21.78 -6.16 -2.02
C ALA A 113 -22.77 -6.19 -3.19
N CYS A 114 -22.81 -7.33 -3.88
CA CYS A 114 -23.73 -7.59 -4.98
C CYS A 114 -24.50 -8.86 -4.59
N THR A 115 -25.78 -8.70 -4.25
CA THR A 115 -26.66 -9.79 -3.79
C THR A 115 -27.85 -10.04 -4.72
N HIS A 116 -27.96 -9.27 -5.82
CA HIS A 116 -29.04 -9.36 -6.82
C HIS A 116 -28.43 -9.49 -8.21
N GLY A 117 -29.18 -10.10 -9.13
CA GLY A 117 -28.80 -10.27 -10.52
C GLY A 117 -27.60 -11.15 -10.78
N GLY A 118 -27.38 -12.12 -9.89
CA GLY A 118 -26.28 -13.08 -10.02
C GLY A 118 -25.67 -13.55 -8.73
N PRO A 119 -24.53 -14.29 -8.80
CA PRO A 119 -23.90 -14.80 -7.57
C PRO A 119 -23.40 -13.72 -6.61
N THR A 120 -23.45 -14.01 -5.29
CA THR A 120 -23.02 -13.10 -4.23
C THR A 120 -21.57 -12.64 -4.40
N LEU A 121 -21.36 -11.31 -4.39
CA LEU A 121 -20.03 -10.71 -4.45
C LEU A 121 -19.87 -9.86 -3.21
N VAL A 122 -18.77 -10.06 -2.48
CA VAL A 122 -18.47 -9.30 -1.27
C VAL A 122 -17.24 -8.44 -1.61
N ILE A 123 -17.43 -7.12 -1.55
CA ILE A 123 -16.39 -6.15 -1.87
C ILE A 123 -15.76 -5.63 -0.59
N THR A 124 -14.45 -5.89 -0.43
CA THR A 124 -13.65 -5.44 0.72
C THR A 124 -12.47 -4.61 0.26
N GLU A 125 -11.82 -3.93 1.20
CA GLU A 125 -10.67 -3.09 0.87
C GLU A 125 -9.45 -3.89 0.37
N TYR A 126 -8.73 -3.32 -0.59
CA TYR A 126 -7.51 -3.90 -1.11
C TYR A 126 -6.34 -3.52 -0.18
N CYS A 127 -5.51 -4.53 0.20
CA CYS A 127 -4.36 -4.33 1.09
C CYS A 127 -3.12 -4.64 0.27
N CYS A 128 -2.37 -3.61 -0.07
CA CYS A 128 -1.24 -3.64 -0.99
C CYS A 128 -0.09 -4.60 -0.64
N TYR A 129 0.13 -4.95 0.64
CA TYR A 129 1.25 -5.82 0.99
C TYR A 129 0.85 -7.30 1.15
N GLY A 130 -0.45 -7.60 1.03
CA GLY A 130 -1.01 -8.95 1.13
C GLY A 130 -0.99 -9.51 2.54
N ASP A 131 -1.00 -10.84 2.64
CA ASP A 131 -1.01 -11.54 3.90
C ASP A 131 0.31 -11.37 4.68
N LEU A 132 0.19 -11.19 6.00
CA LEU A 132 1.29 -10.97 6.94
C LEU A 132 2.30 -12.11 6.95
N LEU A 133 1.81 -13.38 6.86
CA LEU A 133 2.68 -14.55 6.86
C LEU A 133 3.74 -14.49 5.73
N ASN A 134 3.32 -14.27 4.45
CA ASN A 134 4.26 -14.17 3.33
C ASN A 134 5.12 -12.90 3.41
N PHE A 135 4.57 -11.80 3.96
CA PHE A 135 5.32 -10.56 4.16
C PHE A 135 6.51 -10.83 5.11
N LEU A 136 6.25 -11.50 6.28
CA LEU A 136 7.27 -11.83 7.30
C LEU A 136 8.36 -12.75 6.71
N ARG A 137 7.95 -13.75 5.92
CA ARG A 137 8.86 -14.69 5.24
C ARG A 137 9.79 -13.98 4.25
N ARG A 138 9.24 -12.99 3.50
CA ARG A 138 9.93 -12.18 2.50
C ARG A 138 10.90 -11.17 3.16
N LYS A 139 10.55 -10.69 4.37
CA LYS A 139 11.32 -9.69 5.12
C LYS A 139 12.28 -10.32 6.13
N ARG A 140 12.15 -11.64 6.39
CA ARG A 140 12.90 -12.42 7.38
C ARG A 140 14.42 -12.19 7.38
N ASP A 141 15.07 -12.37 6.21
CA ASP A 141 16.52 -12.27 6.02
C ASP A 141 17.11 -10.88 6.26
N GLU A 142 16.34 -9.80 6.00
CA GLU A 142 16.83 -8.42 6.19
C GLU A 142 16.38 -7.78 7.52
N PHE A 143 15.70 -8.56 8.39
CA PHE A 143 15.20 -8.14 9.69
C PHE A 143 16.30 -7.58 10.58
N VAL A 144 16.02 -6.43 11.21
CA VAL A 144 16.92 -5.72 12.09
C VAL A 144 16.23 -5.58 13.46
N PRO A 145 16.77 -6.13 14.58
CA PRO A 145 16.09 -5.94 15.88
C PRO A 145 15.97 -4.46 16.28
N TYR A 146 17.06 -3.66 16.15
CA TYR A 146 17.09 -2.23 16.45
C TYR A 146 18.09 -1.57 15.54
N LEU A 153 15.47 4.38 7.37
CA LEU A 153 16.22 4.26 6.13
C LEU A 153 15.31 3.96 4.93
N TYR A 154 15.84 4.21 3.71
CA TYR A 154 15.16 4.00 2.43
C TYR A 154 14.87 2.51 2.16
N LYS A 155 15.71 1.62 2.75
CA LYS A 155 15.70 0.16 2.64
C LYS A 155 14.38 -0.50 3.07
N ASP A 156 13.60 0.16 3.97
CA ASP A 156 12.32 -0.33 4.52
C ASP A 156 12.45 -1.72 5.16
N PHE A 157 13.50 -1.88 5.99
CA PHE A 157 13.78 -3.11 6.72
C PHE A 157 12.75 -3.32 7.83
N LEU A 158 12.36 -4.58 8.04
CA LEU A 158 11.48 -4.99 9.13
C LEU A 158 12.27 -4.89 10.45
N THR A 159 11.66 -4.29 11.47
CA THR A 159 12.26 -4.08 12.80
C THR A 159 11.39 -4.63 13.92
N LEU A 160 11.94 -4.69 15.15
CA LEU A 160 11.21 -5.13 16.34
C LEU A 160 10.03 -4.18 16.62
N GLU A 161 10.22 -2.84 16.37
CA GLU A 161 9.19 -1.82 16.50
C GLU A 161 7.94 -2.17 15.63
N HIS A 162 8.17 -2.60 14.36
CA HIS A 162 7.08 -2.99 13.46
C HIS A 162 6.36 -4.22 14.03
N LEU A 163 7.12 -5.21 14.58
CA LEU A 163 6.56 -6.45 15.16
C LEU A 163 5.69 -6.13 16.39
N LEU A 164 6.13 -5.18 17.24
CA LEU A 164 5.35 -4.76 18.40
C LEU A 164 4.06 -4.06 17.98
N SER A 165 4.14 -3.16 16.97
CA SER A 165 2.99 -2.47 16.38
C SER A 165 1.99 -3.48 15.81
N PHE A 166 2.48 -4.51 15.04
CA PHE A 166 1.63 -5.56 14.48
C PHE A 166 0.89 -6.34 15.58
N SER A 167 1.60 -6.70 16.68
CA SER A 167 1.05 -7.41 17.84
C SER A 167 -0.08 -6.60 18.49
N TYR A 168 0.14 -5.29 18.65
CA TYR A 168 -0.78 -4.32 19.24
C TYR A 168 -2.07 -4.13 18.39
N GLN A 169 -1.90 -3.93 17.09
CA GLN A 169 -2.99 -3.72 16.15
C GLN A 169 -3.91 -4.94 16.05
N VAL A 170 -3.31 -6.14 16.05
CA VAL A 170 -4.06 -7.39 15.96
C VAL A 170 -4.84 -7.62 17.28
N ALA A 171 -4.21 -7.37 18.44
CA ALA A 171 -4.87 -7.48 19.75
C ALA A 171 -6.09 -6.51 19.81
N LYS A 172 -5.93 -5.28 19.27
CA LYS A 172 -6.96 -4.24 19.19
C LYS A 172 -8.12 -4.67 18.31
N GLY A 173 -7.83 -5.22 17.13
CA GLY A 173 -8.84 -5.73 16.21
C GLY A 173 -9.63 -6.88 16.82
N MET A 174 -8.90 -7.75 17.53
CA MET A 174 -9.47 -8.91 18.24
C MET A 174 -10.34 -8.49 19.44
N ALA A 175 -9.92 -7.43 20.18
CA ALA A 175 -10.70 -6.85 21.27
C ALA A 175 -12.05 -6.30 20.74
N PHE A 176 -12.02 -5.66 19.56
CA PHE A 176 -13.21 -5.14 18.91
C PHE A 176 -14.14 -6.30 18.48
N LEU A 177 -13.59 -7.38 17.90
CA LEU A 177 -14.37 -8.56 17.48
C LEU A 177 -15.06 -9.20 18.69
N ALA A 178 -14.31 -9.36 19.81
CA ALA A 178 -14.81 -9.88 21.08
C ALA A 178 -15.96 -8.99 21.59
N SER A 179 -15.80 -7.64 21.52
CA SER A 179 -16.82 -6.68 21.98
C SER A 179 -18.15 -6.76 21.21
N LYS A 180 -18.13 -7.37 20.02
CA LYS A 180 -19.28 -7.58 19.15
C LYS A 180 -19.75 -9.04 19.23
N ASN A 181 -19.25 -9.78 20.21
CA ASN A 181 -19.56 -11.20 20.45
C ASN A 181 -19.17 -12.12 19.29
N CYS A 182 -18.12 -11.75 18.57
CA CYS A 182 -17.62 -12.53 17.44
C CYS A 182 -16.40 -13.33 17.81
N ILE A 183 -16.40 -14.61 17.37
CA ILE A 183 -15.27 -15.52 17.52
C ILE A 183 -14.70 -15.71 16.10
N HIS A 184 -13.39 -15.46 15.92
CA HIS A 184 -12.73 -15.60 14.62
C HIS A 184 -12.64 -17.07 14.20
N ARG A 185 -12.12 -17.97 15.11
CA ARG A 185 -11.91 -19.42 14.93
C ARG A 185 -10.67 -19.78 14.08
N ASP A 186 -10.12 -18.84 13.29
CA ASP A 186 -8.95 -19.12 12.48
C ASP A 186 -7.89 -17.98 12.48
N LEU A 187 -7.67 -17.38 13.67
CA LEU A 187 -6.65 -16.35 13.84
C LEU A 187 -5.25 -16.97 13.68
N ALA A 188 -4.46 -16.38 12.77
CA ALA A 188 -3.14 -16.81 12.36
C ALA A 188 -2.59 -15.69 11.43
N ALA A 189 -1.25 -15.59 11.28
CA ALA A 189 -0.58 -14.60 10.41
C ALA A 189 -1.09 -14.63 8.93
N ARG A 190 -1.49 -15.83 8.46
CA ARG A 190 -2.06 -16.08 7.13
C ARG A 190 -3.45 -15.36 6.97
N ASN A 191 -4.16 -15.07 8.09
CA ASN A 191 -5.44 -14.35 8.13
C ASN A 191 -5.29 -12.90 8.63
N ILE A 192 -4.13 -12.31 8.34
CA ILE A 192 -3.85 -10.92 8.63
C ILE A 192 -3.35 -10.31 7.34
N LEU A 193 -3.89 -9.16 6.97
CA LEU A 193 -3.44 -8.44 5.79
C LEU A 193 -2.66 -7.22 6.21
N LEU A 194 -1.74 -6.80 5.37
CA LEU A 194 -0.96 -5.60 5.61
C LEU A 194 -1.27 -4.57 4.54
N THR A 195 -1.56 -3.36 4.99
CA THR A 195 -1.88 -2.28 4.06
C THR A 195 -0.98 -1.06 4.29
N HIS A 196 -1.40 0.09 3.75
CA HIS A 196 -0.82 1.43 3.83
C HIS A 196 -0.38 1.83 5.27
N GLY A 197 0.93 2.07 5.44
CA GLY A 197 1.56 2.56 6.66
C GLY A 197 1.75 1.55 7.78
N ASN A 198 2.15 0.31 7.39
CA ASN A 198 2.35 -0.83 8.30
C ASN A 198 1.10 -1.10 9.17
N ILE A 199 -0.06 -0.91 8.56
CA ILE A 199 -1.35 -1.13 9.19
C ILE A 199 -1.78 -2.57 8.92
N THR A 200 -2.06 -3.34 10.00
CA THR A 200 -2.55 -4.71 9.91
C THR A 200 -4.09 -4.74 9.95
N LYS A 201 -4.67 -5.68 9.21
CA LYS A 201 -6.11 -5.89 9.12
C LYS A 201 -6.44 -7.35 9.24
N ILE A 202 -7.17 -7.68 10.31
CA ILE A 202 -7.62 -9.07 10.52
C ILE A 202 -8.61 -9.41 9.40
N CYS A 203 -8.42 -10.58 8.79
CA CYS A 203 -9.26 -11.03 7.72
C CYS A 203 -9.57 -12.51 7.95
N ASP A 204 -10.34 -13.09 7.04
CA ASP A 204 -10.64 -14.50 7.03
C ASP A 204 -10.80 -14.91 5.58
N PHE A 205 -9.74 -15.51 5.01
CA PHE A 205 -9.76 -15.98 3.61
C PHE A 205 -10.87 -17.02 3.40
N GLY A 206 -11.10 -17.83 4.44
CA GLY A 206 -12.10 -18.89 4.50
C GLY A 206 -12.06 -19.81 3.28
N LEU A 207 -13.13 -19.76 2.49
CA LEU A 207 -13.30 -20.57 1.28
C LEU A 207 -12.34 -20.21 0.12
N ALA A 208 -11.72 -19.02 0.18
CA ALA A 208 -10.74 -18.55 -0.80
C ALA A 208 -9.30 -19.01 -0.42
N ARG A 209 -9.18 -20.01 0.47
CA ARG A 209 -7.92 -20.66 0.82
C ARG A 209 -8.02 -22.14 0.47
N ASP A 210 -6.99 -22.67 -0.18
CA ASP A 210 -6.92 -24.07 -0.56
C ASP A 210 -6.41 -24.87 0.68
N ILE A 211 -7.32 -25.09 1.67
CA ILE A 211 -7.01 -25.77 2.94
C ILE A 211 -6.61 -27.26 2.71
N LYS A 212 -7.13 -27.89 1.62
CA LYS A 212 -6.81 -29.26 1.23
C LYS A 212 -5.31 -29.43 0.95
N ASN A 213 -4.66 -28.42 0.34
CA ASN A 213 -3.23 -28.48 0.03
C ASN A 213 -2.34 -27.64 0.96
N ASP A 214 -2.94 -27.03 2.01
CA ASP A 214 -2.20 -26.24 3.00
C ASP A 214 -1.84 -27.15 4.19
N SER A 215 -0.53 -27.39 4.38
CA SER A 215 0.00 -28.25 5.44
C SER A 215 -0.30 -27.71 6.87
N ASN A 216 -0.76 -26.46 6.97
CA ASN A 216 -1.13 -25.84 8.26
C ASN A 216 -2.54 -26.28 8.74
N TYR A 217 -3.27 -26.99 7.87
CA TYR A 217 -4.59 -27.55 8.16
C TYR A 217 -4.40 -29.04 8.13
N VAL A 218 -4.95 -29.71 9.14
CA VAL A 218 -4.79 -31.15 9.35
C VAL A 218 -6.14 -31.84 9.31
N ASP A 219 -6.17 -33.10 8.82
CA ASP A 219 -7.37 -33.93 8.80
C ASP A 219 -7.68 -34.33 10.24
N LYS A 220 -8.87 -33.97 10.73
CA LYS A 220 -9.34 -34.27 12.08
C LYS A 220 -10.84 -34.53 11.96
N GLY A 221 -11.19 -35.80 11.91
CA GLY A 221 -12.56 -36.25 11.71
C GLY A 221 -12.96 -36.01 10.26
N ASN A 222 -14.08 -35.31 10.05
CA ASN A 222 -14.59 -35.00 8.71
C ASN A 222 -14.16 -33.58 8.25
N ALA A 223 -13.17 -32.97 8.94
CA ALA A 223 -12.70 -31.62 8.64
C ALA A 223 -11.17 -31.50 8.44
N ARG A 224 -10.75 -30.33 7.87
CA ARG A 224 -9.37 -29.88 7.64
C ARG A 224 -9.24 -28.66 8.56
N LEU A 225 -8.59 -28.84 9.72
CA LEU A 225 -8.53 -27.85 10.78
C LEU A 225 -7.12 -27.32 11.10
N PRO A 226 -7.02 -26.02 11.49
CA PRO A 226 -5.69 -25.46 11.83
C PRO A 226 -5.25 -25.83 13.27
N VAL A 227 -5.10 -27.14 13.51
CA VAL A 227 -4.81 -27.78 14.81
C VAL A 227 -3.69 -27.08 15.64
N LYS A 228 -2.55 -26.69 15.01
CA LYS A 228 -1.43 -26.04 15.73
C LYS A 228 -1.74 -24.63 16.30
N TRP A 229 -2.89 -24.04 15.90
CA TRP A 229 -3.34 -22.73 16.37
C TRP A 229 -4.51 -22.85 17.34
N MET A 230 -5.08 -24.06 17.45
CA MET A 230 -6.28 -24.32 18.23
C MET A 230 -6.03 -24.61 19.71
N ALA A 231 -6.94 -24.12 20.57
CA ALA A 231 -6.91 -24.34 22.01
C ALA A 231 -7.32 -25.79 22.29
N PRO A 232 -6.79 -26.44 23.37
CA PRO A 232 -7.17 -27.84 23.65
C PRO A 232 -8.68 -28.15 23.70
N GLU A 233 -9.48 -27.27 24.33
CA GLU A 233 -10.94 -27.40 24.39
C GLU A 233 -11.60 -27.34 22.99
N SER A 234 -10.97 -26.67 22.02
CA SER A 234 -11.47 -26.61 20.64
C SER A 234 -11.20 -27.93 19.95
N ILE A 235 -9.98 -28.45 20.13
CA ILE A 235 -9.50 -29.71 19.56
C ILE A 235 -10.35 -30.91 20.07
N PHE A 236 -10.40 -31.08 21.40
CA PHE A 236 -11.03 -32.21 22.06
C PHE A 236 -12.54 -32.10 22.28
N ASN A 237 -13.13 -30.88 22.27
CA ASN A 237 -14.57 -30.73 22.53
C ASN A 237 -15.35 -29.88 21.51
N SER A 238 -14.68 -29.40 20.43
CA SER A 238 -15.25 -28.54 19.38
C SER A 238 -15.85 -27.23 19.95
N VAL A 239 -15.26 -26.74 21.06
CA VAL A 239 -15.65 -25.53 21.78
C VAL A 239 -14.85 -24.29 21.29
N TYR A 240 -15.55 -23.32 20.69
CA TYR A 240 -14.92 -22.09 20.25
C TYR A 240 -15.49 -20.95 21.08
N THR A 241 -14.60 -20.22 21.77
CA THR A 241 -14.94 -19.12 22.67
C THR A 241 -14.01 -17.90 22.44
N PHE A 242 -14.22 -16.87 23.26
CA PHE A 242 -13.39 -15.68 23.25
C PHE A 242 -11.97 -16.09 23.67
N GLU A 243 -11.89 -17.05 24.61
CA GLU A 243 -10.69 -17.60 25.22
C GLU A 243 -9.91 -18.51 24.27
N SER A 244 -10.63 -19.26 23.40
CA SER A 244 -9.98 -20.11 22.40
C SER A 244 -9.29 -19.24 21.30
N ASP A 245 -9.85 -18.05 20.97
CA ASP A 245 -9.27 -17.06 20.05
C ASP A 245 -7.98 -16.46 20.65
N VAL A 246 -7.98 -16.28 21.98
CA VAL A 246 -6.82 -15.78 22.76
C VAL A 246 -5.66 -16.78 22.63
N TRP A 247 -5.95 -18.10 22.75
CA TRP A 247 -4.96 -19.15 22.56
C TRP A 247 -4.28 -18.99 21.17
N SER A 248 -5.10 -18.84 20.10
CA SER A 248 -4.65 -18.67 18.71
C SER A 248 -3.81 -17.42 18.54
N TYR A 249 -4.16 -16.33 19.25
CA TYR A 249 -3.40 -15.11 19.22
C TYR A 249 -1.97 -15.35 19.74
N GLY A 250 -1.83 -16.18 20.79
CA GLY A 250 -0.54 -16.58 21.36
C GLY A 250 0.31 -17.31 20.34
N ILE A 251 -0.32 -18.18 19.54
CA ILE A 251 0.32 -18.91 18.43
C ILE A 251 0.76 -17.89 17.38
N PHE A 252 -0.16 -16.98 16.97
CA PHE A 252 0.11 -15.88 16.08
C PHE A 252 1.38 -15.06 16.57
N LEU A 253 1.49 -14.77 17.90
CA LEU A 253 2.66 -14.04 18.45
C LEU A 253 3.94 -14.82 18.23
N TRP A 254 3.86 -16.15 18.38
CA TRP A 254 5.00 -17.02 18.16
C TRP A 254 5.45 -16.92 16.68
N GLU A 255 4.51 -17.00 15.70
CA GLU A 255 4.82 -16.89 14.25
C GLU A 255 5.48 -15.53 13.94
N LEU A 256 4.90 -14.45 14.50
CA LEU A 256 5.32 -13.08 14.31
C LEU A 256 6.78 -12.84 14.72
N PHE A 257 7.13 -13.29 15.95
CA PHE A 257 8.46 -13.09 16.54
C PHE A 257 9.51 -14.15 16.10
N SER A 258 9.09 -15.17 15.31
CA SER A 258 9.94 -16.16 14.66
C SER A 258 10.08 -15.79 13.18
N LEU A 259 9.45 -14.65 12.77
CA LEU A 259 9.47 -14.07 11.42
C LEU A 259 8.86 -15.01 10.35
N GLY A 260 7.71 -15.58 10.69
CA GLY A 260 6.96 -16.44 9.79
C GLY A 260 7.25 -17.93 9.86
N SER A 261 7.89 -18.41 10.93
CA SER A 261 8.12 -19.87 11.03
C SER A 261 6.83 -20.59 11.41
N SER A 262 6.68 -21.83 10.94
CA SER A 262 5.54 -22.68 11.26
C SER A 262 5.62 -23.11 12.75
N PRO A 263 4.49 -23.02 13.53
CA PRO A 263 4.55 -23.42 14.95
C PRO A 263 4.87 -24.89 15.19
N TYR A 264 5.38 -25.21 16.42
CA TYR A 264 5.83 -26.56 16.84
C TYR A 264 6.76 -27.15 15.75
N PRO A 265 7.87 -26.43 15.39
CA PRO A 265 8.74 -26.95 14.32
C PRO A 265 9.24 -28.36 14.57
N GLY A 266 9.19 -29.18 13.51
CA GLY A 266 9.61 -30.58 13.51
C GLY A 266 8.68 -31.55 14.21
N MET A 267 7.52 -31.07 14.67
CA MET A 267 6.53 -31.88 15.36
C MET A 267 5.32 -32.11 14.46
N PRO A 268 5.07 -33.36 13.98
CA PRO A 268 3.86 -33.58 13.16
C PRO A 268 2.61 -33.61 14.03
N VAL A 269 1.45 -33.28 13.45
CA VAL A 269 0.20 -33.38 14.20
C VAL A 269 -0.20 -34.86 14.17
N ASP A 270 0.02 -35.56 15.29
CA ASP A 270 -0.28 -36.98 15.49
C ASP A 270 -0.71 -37.20 16.94
N SER A 271 -0.87 -38.46 17.37
CA SER A 271 -1.27 -38.81 18.74
C SER A 271 -0.33 -38.23 19.81
N LYS A 272 0.99 -38.21 19.54
CA LYS A 272 2.03 -37.69 20.44
C LYS A 272 1.83 -36.17 20.63
N PHE A 273 1.50 -35.43 19.54
CA PHE A 273 1.23 -33.99 19.58
C PHE A 273 0.06 -33.66 20.54
N TYR A 274 -1.09 -34.35 20.37
CA TYR A 274 -2.28 -34.14 21.18
C TYR A 274 -2.02 -34.46 22.65
N LYS A 275 -1.27 -35.55 22.91
CA LYS A 275 -0.87 -35.99 24.25
C LYS A 275 0.00 -34.91 24.91
N MET A 276 0.98 -34.35 24.16
CA MET A 276 1.89 -33.32 24.65
C MET A 276 1.18 -32.00 24.99
N ILE A 277 0.21 -31.55 24.16
CA ILE A 277 -0.58 -30.34 24.42
C ILE A 277 -1.42 -30.50 25.71
N LYS A 278 -2.05 -31.68 25.88
CA LYS A 278 -2.86 -32.06 27.03
C LYS A 278 -2.01 -32.12 28.31
N GLU A 279 -0.77 -32.67 28.21
CA GLU A 279 0.16 -32.83 29.33
C GLU A 279 0.94 -31.53 29.67
N GLY A 280 0.64 -30.44 28.98
CA GLY A 280 1.23 -29.14 29.27
C GLY A 280 2.43 -28.67 28.45
N PHE A 281 2.83 -29.40 27.39
CA PHE A 281 3.94 -28.95 26.52
C PHE A 281 3.56 -27.65 25.81
N ARG A 282 4.50 -26.70 25.83
CA ARG A 282 4.35 -25.38 25.18
C ARG A 282 5.63 -25.04 24.45
N MET A 283 5.52 -24.30 23.35
CA MET A 283 6.70 -23.86 22.61
C MET A 283 7.55 -22.93 23.48
N SER A 284 8.87 -22.98 23.25
CA SER A 284 9.83 -22.10 23.88
C SER A 284 9.73 -20.78 23.11
N SER A 285 10.28 -19.71 23.65
CA SER A 285 10.22 -18.41 22.99
C SER A 285 10.89 -18.38 21.63
N PRO A 286 10.30 -17.69 20.62
CA PRO A 286 10.99 -17.54 19.33
C PRO A 286 12.20 -16.61 19.51
N GLU A 287 13.20 -16.72 18.61
CA GLU A 287 14.47 -15.99 18.64
C GLU A 287 14.38 -14.46 18.87
N TYR A 288 13.33 -13.79 18.34
CA TYR A 288 13.23 -12.35 18.42
C TYR A 288 12.14 -11.80 19.36
N ALA A 289 11.50 -12.69 20.13
CA ALA A 289 10.47 -12.30 21.06
C ALA A 289 11.03 -11.63 22.32
N PRO A 290 10.60 -10.37 22.64
CA PRO A 290 10.99 -9.77 23.93
C PRO A 290 10.35 -10.62 25.03
N ALA A 291 11.01 -10.72 26.20
CA ALA A 291 10.54 -11.52 27.32
C ALA A 291 9.07 -11.27 27.69
N GLU A 292 8.64 -9.98 27.67
CA GLU A 292 7.26 -9.56 27.97
C GLU A 292 6.24 -10.03 26.93
N MET A 293 6.67 -10.21 25.67
CA MET A 293 5.81 -10.76 24.60
C MET A 293 5.64 -12.26 24.76
N TYR A 294 6.70 -12.94 25.24
CA TYR A 294 6.65 -14.38 25.50
C TYR A 294 5.81 -14.65 26.75
N ASP A 295 5.84 -13.71 27.73
CA ASP A 295 4.98 -13.75 28.91
C ASP A 295 3.49 -13.75 28.45
N ILE A 296 3.13 -12.90 27.47
CA ILE A 296 1.75 -12.91 26.91
C ILE A 296 1.45 -14.30 26.28
N MET A 297 2.37 -14.83 25.45
CA MET A 297 2.19 -16.17 24.81
C MET A 297 1.85 -17.27 25.85
N LYS A 298 2.62 -17.35 26.96
CA LYS A 298 2.43 -18.32 28.05
C LYS A 298 1.03 -18.24 28.69
N THR A 299 0.56 -17.01 28.97
CA THR A 299 -0.75 -16.75 29.55
C THR A 299 -1.86 -17.12 28.56
N CYS A 300 -1.68 -16.81 27.25
CA CYS A 300 -2.62 -17.20 26.16
C CYS A 300 -2.76 -18.72 26.11
N TRP A 301 -1.65 -19.44 26.40
CA TRP A 301 -1.60 -20.90 26.35
C TRP A 301 -1.93 -21.60 27.67
N ASP A 302 -2.59 -20.90 28.61
CA ASP A 302 -2.98 -21.53 29.86
C ASP A 302 -4.01 -22.62 29.55
N ALA A 303 -3.84 -23.81 30.16
CA ALA A 303 -4.76 -24.95 29.98
C ALA A 303 -6.18 -24.55 30.43
N ASP A 304 -6.26 -23.70 31.47
CA ASP A 304 -7.52 -23.16 31.96
C ASP A 304 -7.88 -21.89 31.16
N PRO A 305 -8.97 -21.95 30.34
CA PRO A 305 -9.41 -20.76 29.58
C PRO A 305 -9.64 -19.50 30.44
N ASP A 306 -10.11 -19.70 31.69
CA ASP A 306 -10.37 -18.63 32.67
C ASP A 306 -9.11 -17.91 33.15
N LYS A 307 -7.93 -18.56 33.01
CA LYS A 307 -6.65 -17.99 33.42
C LYS A 307 -5.96 -17.23 32.27
N ARG A 308 -6.48 -17.37 31.03
CA ARG A 308 -5.96 -16.65 29.86
C ARG A 308 -6.33 -15.15 29.95
N PRO A 309 -5.50 -14.22 29.41
CA PRO A 309 -5.92 -12.80 29.43
C PRO A 309 -7.01 -12.55 28.37
N THR A 310 -7.75 -11.46 28.51
CA THR A 310 -8.74 -11.10 27.49
C THR A 310 -7.95 -10.32 26.42
N PHE A 311 -8.55 -10.09 25.23
CA PHE A 311 -7.87 -9.27 24.25
C PHE A 311 -7.65 -7.83 24.76
N LYS A 312 -8.62 -7.27 25.55
CA LYS A 312 -8.48 -5.95 26.12
C LYS A 312 -7.25 -5.85 27.07
N GLN A 313 -7.06 -6.88 27.94
CA GLN A 313 -5.88 -6.95 28.83
C GLN A 313 -4.57 -7.00 28.04
N ILE A 314 -4.56 -7.73 26.89
CA ILE A 314 -3.40 -7.84 26.00
C ILE A 314 -3.01 -6.46 25.40
N VAL A 315 -4.03 -5.70 24.89
CA VAL A 315 -3.90 -4.35 24.34
C VAL A 315 -3.20 -3.42 25.37
N GLN A 316 -3.69 -3.43 26.64
CA GLN A 316 -3.15 -2.62 27.73
C GLN A 316 -1.71 -2.98 28.05
N ASP A 317 -1.40 -4.29 28.02
CA ASP A 317 -0.06 -4.83 28.25
C ASP A 317 0.92 -4.35 27.13
N ILE A 318 0.55 -4.52 25.83
CA ILE A 318 1.38 -4.12 24.70
C ILE A 318 1.56 -2.60 24.66
N GLU A 319 0.48 -1.83 24.96
CA GLU A 319 0.49 -0.37 25.06
C GLU A 319 1.64 0.07 25.97
N LYS A 320 1.71 -0.51 27.19
CA LYS A 320 2.75 -0.25 28.20
C LYS A 320 4.15 -0.59 27.64
N GLN A 321 4.30 -1.75 26.98
CA GLN A 321 5.56 -2.18 26.37
C GLN A 321 6.06 -1.19 25.31
N ILE A 322 5.16 -0.71 24.42
CA ILE A 322 5.47 0.27 23.37
C ILE A 322 5.93 1.62 23.98
N SER A 323 5.19 2.15 24.97
CA SER A 323 5.52 3.41 25.65
C SER A 323 6.85 3.34 26.39
N GLU A 324 7.16 2.19 27.02
CA GLU A 324 8.40 1.95 27.76
C GLU A 324 9.61 1.74 26.82
N SER A 325 9.36 1.36 25.56
CA SER A 325 10.39 1.12 24.54
C SER A 325 11.09 2.41 24.10
N PRO B 31 -10.04 28.64 -11.93
CA PRO B 31 -11.23 28.20 -11.18
C PRO B 31 -11.10 26.85 -10.47
N TYR B 32 -11.85 26.71 -9.36
CA TYR B 32 -11.94 25.55 -8.48
C TYR B 32 -13.40 25.13 -8.43
N ASP B 33 -13.67 23.88 -8.82
CA ASP B 33 -15.03 23.35 -8.80
C ASP B 33 -15.41 23.03 -7.35
N HIS B 34 -16.47 23.69 -6.82
CA HIS B 34 -16.96 23.52 -5.44
C HIS B 34 -17.42 22.08 -5.14
N LYS B 35 -17.47 21.22 -6.19
CA LYS B 35 -17.84 19.80 -6.12
C LYS B 35 -16.82 18.98 -5.32
N TRP B 36 -15.57 19.48 -5.22
CA TRP B 36 -14.47 18.85 -4.49
C TRP B 36 -14.53 19.09 -2.97
N GLU B 37 -15.37 20.05 -2.53
CA GLU B 37 -15.50 20.39 -1.11
C GLU B 37 -15.84 19.19 -0.24
N PHE B 38 -15.00 18.94 0.76
CA PHE B 38 -15.05 17.81 1.68
C PHE B 38 -14.99 18.32 3.14
N PRO B 39 -15.76 17.75 4.10
CA PRO B 39 -15.68 18.26 5.49
C PRO B 39 -14.38 17.85 6.17
N ARG B 40 -13.64 18.83 6.74
CA ARG B 40 -12.34 18.58 7.38
C ARG B 40 -12.42 17.70 8.63
N ASN B 41 -13.58 17.73 9.32
CA ASN B 41 -13.83 16.91 10.51
C ASN B 41 -13.95 15.41 10.19
N ARG B 42 -14.11 15.07 8.89
CA ARG B 42 -14.20 13.70 8.38
C ARG B 42 -12.79 13.13 8.00
N LEU B 43 -11.72 13.87 8.37
CA LEU B 43 -10.32 13.47 8.13
C LEU B 43 -9.61 13.17 9.45
N SER B 44 -8.88 12.05 9.50
CA SER B 44 -8.07 11.62 10.64
C SER B 44 -6.60 11.59 10.18
N PHE B 45 -5.81 12.58 10.61
CA PHE B 45 -4.41 12.71 10.21
C PHE B 45 -3.48 11.75 10.93
N GLY B 46 -2.70 11.04 10.12
CA GLY B 46 -1.69 10.08 10.55
C GLY B 46 -0.29 10.67 10.41
N LYS B 47 0.66 9.84 9.96
CA LYS B 47 2.05 10.25 9.81
C LYS B 47 2.32 11.19 8.63
N THR B 48 3.36 12.03 8.78
CA THR B 48 3.86 12.94 7.75
C THR B 48 4.61 12.08 6.72
N LEU B 49 4.22 12.21 5.45
CA LEU B 49 4.83 11.47 4.33
C LEU B 49 5.97 12.26 3.70
N GLY B 50 5.97 13.57 3.90
CA GLY B 50 6.98 14.48 3.37
C GLY B 50 6.74 15.90 3.85
N ALA B 51 7.80 16.63 4.11
CA ALA B 51 7.69 18.01 4.58
C ALA B 51 8.83 18.88 4.08
N GLY B 52 8.49 20.14 3.79
CA GLY B 52 9.42 21.18 3.42
C GLY B 52 9.39 22.25 4.46
N ALA B 53 9.97 23.42 4.16
CA ALA B 53 9.99 24.55 5.09
C ALA B 53 8.57 25.14 5.39
N PHE B 54 7.67 25.15 4.37
CA PHE B 54 6.34 25.78 4.47
C PHE B 54 5.13 24.87 4.32
N GLY B 55 5.36 23.64 3.88
CA GLY B 55 4.28 22.68 3.64
C GLY B 55 4.63 21.25 3.94
N LYS B 56 3.61 20.40 4.02
CA LYS B 56 3.76 18.99 4.30
C LYS B 56 2.64 18.16 3.68
N VAL B 57 2.92 16.87 3.51
CA VAL B 57 1.96 15.89 3.06
C VAL B 57 1.78 14.91 4.19
N VAL B 58 0.53 14.69 4.58
CA VAL B 58 0.20 13.80 5.69
C VAL B 58 -0.72 12.68 5.17
N GLU B 59 -0.53 11.46 5.70
CA GLU B 59 -1.39 10.32 5.40
C GLU B 59 -2.66 10.55 6.23
N ALA B 60 -3.83 10.32 5.65
CA ALA B 60 -5.06 10.51 6.40
C ALA B 60 -6.15 9.49 6.05
N THR B 61 -7.10 9.32 6.96
CA THR B 61 -8.27 8.49 6.76
C THR B 61 -9.44 9.44 6.49
N ALA B 62 -10.09 9.25 5.34
CA ALA B 62 -11.24 10.03 4.91
C ALA B 62 -12.51 9.20 5.12
N GLN B 63 -13.46 9.72 5.90
CA GLN B 63 -14.73 9.07 6.16
C GLN B 63 -15.81 9.70 5.28
N GLY B 64 -16.57 8.87 4.59
CA GLY B 64 -17.64 9.35 3.70
C GLY B 64 -17.19 9.84 2.34
N LEU B 65 -15.96 9.47 1.93
CA LEU B 65 -15.42 9.81 0.61
C LEU B 65 -15.96 8.78 -0.39
N ILE B 66 -16.20 7.55 0.10
CA ILE B 66 -16.81 6.43 -0.62
C ILE B 66 -18.33 6.58 -0.43
N LYS B 67 -19.13 6.27 -1.47
CA LYS B 67 -20.61 6.38 -1.48
C LYS B 67 -21.28 5.69 -0.27
N SER B 68 -20.79 4.48 0.09
CA SER B 68 -21.25 3.71 1.24
C SER B 68 -20.49 4.18 2.50
N ASP B 69 -20.99 3.86 3.72
CA ASP B 69 -20.32 4.26 4.97
C ASP B 69 -19.01 3.46 5.19
N ALA B 70 -17.95 3.83 4.44
CA ALA B 70 -16.64 3.19 4.45
C ALA B 70 -15.51 4.21 4.38
N ALA B 71 -14.42 3.95 5.13
CA ALA B 71 -13.25 4.81 5.21
C ALA B 71 -12.16 4.46 4.20
N MET B 72 -11.37 5.46 3.78
CA MET B 72 -10.29 5.24 2.84
C MET B 72 -9.08 6.10 3.15
N THR B 73 -7.89 5.55 2.85
CA THR B 73 -6.61 6.22 3.02
C THR B 73 -6.39 7.18 1.87
N VAL B 74 -6.02 8.41 2.23
CA VAL B 74 -5.76 9.51 1.31
C VAL B 74 -4.43 10.21 1.69
N ALA B 75 -3.94 11.09 0.82
CA ALA B 75 -2.78 11.96 1.09
C ALA B 75 -3.33 13.38 1.17
N VAL B 76 -2.88 14.17 2.16
CA VAL B 76 -3.36 15.54 2.37
C VAL B 76 -2.18 16.51 2.36
N LYS B 77 -2.22 17.49 1.45
CA LYS B 77 -1.21 18.53 1.40
C LYS B 77 -1.78 19.75 2.13
N MET B 78 -0.98 20.30 3.04
CA MET B 78 -1.35 21.47 3.84
C MET B 78 -0.12 22.32 4.13
N LEU B 79 -0.34 23.56 4.52
CA LEU B 79 0.76 24.45 4.85
C LEU B 79 1.05 24.39 6.35
N LYS B 80 2.29 24.71 6.71
CA LYS B 80 2.76 24.77 8.10
C LYS B 80 2.54 26.20 8.63
N PRO B 81 2.49 26.45 9.98
CA PRO B 81 2.31 27.84 10.48
C PRO B 81 3.39 28.83 10.03
N SER B 82 4.50 28.31 9.45
CA SER B 82 5.65 29.05 8.90
C SER B 82 5.33 29.73 7.56
N ALA B 83 4.31 29.23 6.82
CA ALA B 83 3.92 29.75 5.51
C ALA B 83 3.36 31.17 5.52
N HIS B 84 3.59 31.91 4.44
CA HIS B 84 3.09 33.28 4.27
C HIS B 84 2.03 33.33 3.15
N SER B 85 1.61 34.56 2.76
CA SER B 85 0.61 34.80 1.71
C SER B 85 0.99 34.18 0.36
N THR B 86 2.29 34.17 0.01
CA THR B 86 2.83 33.57 -1.22
C THR B 86 2.54 32.05 -1.27
N GLU B 87 2.81 31.35 -0.15
CA GLU B 87 2.60 29.91 0.02
C GLU B 87 1.12 29.57 0.00
N ARG B 88 0.27 30.43 0.62
CA ARG B 88 -1.18 30.24 0.68
C ARG B 88 -1.78 30.29 -0.73
N GLU B 89 -1.32 31.27 -1.54
CA GLU B 89 -1.72 31.45 -2.94
C GLU B 89 -1.22 30.28 -3.79
N ALA B 90 0.04 29.81 -3.56
CA ALA B 90 0.61 28.67 -4.30
C ALA B 90 -0.21 27.37 -4.07
N LEU B 91 -0.66 27.10 -2.82
CA LEU B 91 -1.50 25.94 -2.48
C LEU B 91 -2.87 26.00 -3.18
N MET B 92 -3.47 27.20 -3.25
CA MET B 92 -4.76 27.43 -3.92
C MET B 92 -4.60 27.31 -5.44
N SER B 93 -3.48 27.82 -5.99
CA SER B 93 -3.13 27.71 -7.42
C SER B 93 -2.98 26.24 -7.82
N GLU B 94 -2.36 25.42 -6.95
CA GLU B 94 -2.19 23.98 -7.19
C GLU B 94 -3.56 23.28 -7.25
N LEU B 95 -4.46 23.63 -6.30
CA LEU B 95 -5.82 23.12 -6.22
C LEU B 95 -6.63 23.44 -7.51
N LYS B 96 -6.52 24.70 -8.03
CA LYS B 96 -7.18 25.13 -9.27
C LYS B 96 -6.68 24.34 -10.48
N VAL B 97 -5.34 24.11 -10.59
CA VAL B 97 -4.69 23.31 -11.65
C VAL B 97 -5.20 21.85 -11.60
N LEU B 98 -5.23 21.24 -10.40
CA LEU B 98 -5.70 19.86 -10.21
C LEU B 98 -7.17 19.69 -10.61
N SER B 99 -8.01 20.69 -10.26
CA SER B 99 -9.44 20.73 -10.56
C SER B 99 -9.62 20.87 -12.09
N TYR B 100 -8.83 21.77 -12.71
CA TYR B 100 -8.80 22.05 -14.15
C TYR B 100 -8.39 20.83 -15.00
N LEU B 101 -7.34 20.11 -14.54
CA LEU B 101 -6.80 18.94 -15.24
C LEU B 101 -7.77 17.78 -15.31
N GLY B 102 -8.49 17.54 -14.21
CA GLY B 102 -9.39 16.41 -14.10
C GLY B 102 -8.59 15.13 -13.89
N ASN B 103 -9.30 14.01 -13.72
CA ASN B 103 -8.62 12.74 -13.47
C ASN B 103 -7.95 12.15 -14.72
N HIS B 104 -6.77 11.56 -14.51
CA HIS B 104 -5.96 10.87 -15.52
C HIS B 104 -5.23 9.73 -14.82
N GLU B 105 -5.16 8.57 -15.48
CA GLU B 105 -4.49 7.37 -14.98
C GLU B 105 -3.06 7.55 -14.51
N ASN B 106 -2.26 8.36 -15.20
CA ASN B 106 -0.84 8.52 -14.87
C ASN B 106 -0.49 9.78 -14.08
N ILE B 107 -1.50 10.44 -13.50
CA ILE B 107 -1.29 11.65 -12.70
C ILE B 107 -1.96 11.40 -11.36
N VAL B 108 -1.36 11.87 -10.24
CA VAL B 108 -1.99 11.77 -8.92
C VAL B 108 -3.33 12.52 -9.02
N ASN B 109 -4.41 11.86 -8.64
CA ASN B 109 -5.69 12.53 -8.80
C ASN B 109 -6.23 13.16 -7.55
N LEU B 110 -6.91 14.28 -7.75
CA LEU B 110 -7.60 15.07 -6.73
C LEU B 110 -8.85 14.27 -6.30
N LEU B 111 -9.05 14.16 -4.97
CA LEU B 111 -10.17 13.43 -4.39
C LEU B 111 -11.13 14.41 -3.71
N GLY B 112 -10.57 15.53 -3.27
CA GLY B 112 -11.31 16.59 -2.62
C GLY B 112 -10.44 17.66 -2.03
N ALA B 113 -11.07 18.63 -1.37
CA ALA B 113 -10.39 19.76 -0.74
C ALA B 113 -11.22 20.39 0.37
N CYS B 114 -10.54 21.08 1.28
CA CYS B 114 -11.15 21.79 2.40
C CYS B 114 -10.67 23.24 2.28
N THR B 115 -11.58 24.15 1.87
CA THR B 115 -11.30 25.57 1.63
C THR B 115 -12.05 26.50 2.61
N HIS B 116 -12.80 25.93 3.58
CA HIS B 116 -13.49 26.71 4.61
C HIS B 116 -13.30 26.05 5.99
N GLY B 117 -13.57 26.83 7.04
CA GLY B 117 -13.44 26.38 8.43
C GLY B 117 -12.02 26.08 8.89
N GLY B 118 -11.04 26.72 8.25
CA GLY B 118 -9.63 26.55 8.57
C GLY B 118 -8.69 26.57 7.37
N PRO B 119 -7.39 26.21 7.60
CA PRO B 119 -6.42 26.24 6.49
C PRO B 119 -6.73 25.30 5.32
N THR B 120 -6.33 25.70 4.09
CA THR B 120 -6.55 24.91 2.87
C THR B 120 -5.94 23.49 2.96
N LEU B 121 -6.77 22.49 2.68
CA LEU B 121 -6.34 21.09 2.63
C LEU B 121 -6.63 20.57 1.25
N VAL B 122 -5.63 19.95 0.60
CA VAL B 122 -5.77 19.37 -0.74
C VAL B 122 -5.65 17.85 -0.56
N ILE B 123 -6.75 17.14 -0.89
CA ILE B 123 -6.84 15.70 -0.73
C ILE B 123 -6.57 15.03 -2.09
N THR B 124 -5.51 14.20 -2.13
CA THR B 124 -5.12 13.44 -3.31
C THR B 124 -5.07 11.95 -2.99
N GLU B 125 -4.98 11.12 -4.02
CA GLU B 125 -4.93 9.67 -3.82
C GLU B 125 -3.63 9.19 -3.13
N TYR B 126 -3.78 8.18 -2.28
CA TYR B 126 -2.66 7.56 -1.60
C TYR B 126 -2.04 6.50 -2.53
N CYS B 127 -0.71 6.53 -2.70
CA CYS B 127 0.05 5.58 -3.55
C CYS B 127 0.94 4.76 -2.61
N CYS B 128 0.60 3.50 -2.43
CA CYS B 128 1.19 2.59 -1.45
C CYS B 128 2.70 2.38 -1.51
N TYR B 129 3.35 2.53 -2.69
CA TYR B 129 4.79 2.28 -2.75
C TYR B 129 5.63 3.55 -2.65
N GLY B 130 4.97 4.72 -2.56
CA GLY B 130 5.62 6.01 -2.42
C GLY B 130 6.32 6.51 -3.68
N ASP B 131 7.31 7.39 -3.49
CA ASP B 131 8.08 7.95 -4.60
C ASP B 131 8.94 6.88 -5.32
N LEU B 132 8.97 6.97 -6.65
CA LEU B 132 9.66 6.07 -7.56
C LEU B 132 11.18 6.03 -7.30
N LEU B 133 11.80 7.20 -6.98
CA LEU B 133 13.23 7.27 -6.67
C LEU B 133 13.63 6.30 -5.53
N ASN B 134 12.97 6.37 -4.35
CA ASN B 134 13.29 5.49 -3.23
C ASN B 134 12.91 4.04 -3.52
N PHE B 135 11.83 3.82 -4.30
CA PHE B 135 11.44 2.48 -4.73
C PHE B 135 12.58 1.82 -5.55
N LEU B 136 13.15 2.55 -6.53
CA LEU B 136 14.22 2.09 -7.41
C LEU B 136 15.49 1.77 -6.62
N ARG B 137 15.82 2.61 -5.61
CA ARG B 137 16.96 2.43 -4.71
C ARG B 137 16.82 1.17 -3.84
N ARG B 138 15.60 0.91 -3.36
CA ARG B 138 15.23 -0.22 -2.52
C ARG B 138 15.23 -1.53 -3.31
N LYS B 139 14.91 -1.48 -4.62
CA LYS B 139 14.80 -2.64 -5.50
C LYS B 139 16.03 -2.94 -6.36
N ARG B 140 17.08 -2.11 -6.24
CA ARG B 140 18.32 -2.17 -7.01
C ARG B 140 19.09 -3.50 -6.89
N ASP B 141 19.28 -4.02 -5.66
CA ASP B 141 19.99 -5.29 -5.43
C ASP B 141 19.21 -6.51 -5.91
N GLU B 142 17.88 -6.38 -5.97
CA GLU B 142 16.97 -7.43 -6.45
C GLU B 142 16.42 -7.11 -7.86
N PHE B 143 17.29 -6.55 -8.74
CA PHE B 143 16.93 -6.27 -10.12
C PHE B 143 17.39 -7.38 -11.04
N VAL B 144 16.49 -7.83 -11.91
CA VAL B 144 16.72 -8.88 -12.90
C VAL B 144 16.41 -8.30 -14.29
N PRO B 145 17.38 -8.24 -15.24
CA PRO B 145 17.05 -7.72 -16.59
C PRO B 145 15.94 -8.54 -17.29
N TYR B 146 16.03 -9.88 -17.26
CA TYR B 146 14.98 -10.73 -17.87
C TYR B 146 14.56 -11.91 -16.99
N LYS B 147 13.26 -11.95 -16.64
CA LYS B 147 12.65 -12.99 -15.80
C LYS B 147 12.62 -14.35 -16.50
N LYS B 155 8.49 -13.93 -5.92
CA LYS B 155 9.58 -13.09 -5.44
C LYS B 155 9.36 -11.58 -5.66
N ASP B 156 8.57 -11.21 -6.70
CA ASP B 156 8.23 -9.83 -7.08
C ASP B 156 9.49 -8.98 -7.35
N PHE B 157 10.46 -9.56 -8.09
CA PHE B 157 11.70 -8.90 -8.46
C PHE B 157 11.46 -7.81 -9.52
N LEU B 158 12.22 -6.71 -9.46
CA LEU B 158 12.13 -5.62 -10.43
C LEU B 158 12.83 -6.05 -11.74
N THR B 159 12.12 -5.92 -12.88
CA THR B 159 12.64 -6.32 -14.18
C THR B 159 12.70 -5.15 -15.18
N LEU B 160 13.32 -5.40 -16.36
CA LEU B 160 13.40 -4.45 -17.45
C LEU B 160 11.98 -4.12 -17.98
N GLU B 161 11.08 -5.12 -17.97
CA GLU B 161 9.67 -4.98 -18.36
C GLU B 161 8.97 -3.91 -17.53
N HIS B 162 9.20 -3.89 -16.19
CA HIS B 162 8.64 -2.90 -15.27
C HIS B 162 9.18 -1.51 -15.62
N LEU B 163 10.51 -1.41 -15.85
CA LEU B 163 11.17 -0.15 -16.19
C LEU B 163 10.66 0.43 -17.51
N LEU B 164 10.39 -0.42 -18.52
CA LEU B 164 9.85 0.01 -19.81
C LEU B 164 8.44 0.54 -19.61
N SER B 165 7.63 -0.18 -18.80
CA SER B 165 6.25 0.19 -18.45
C SER B 165 6.25 1.56 -17.72
N PHE B 166 7.17 1.77 -16.76
CA PHE B 166 7.29 3.04 -16.03
C PHE B 166 7.60 4.21 -16.99
N SER B 167 8.52 3.99 -17.95
CA SER B 167 8.90 5.03 -18.91
C SER B 167 7.71 5.42 -19.84
N TYR B 168 6.92 4.43 -20.27
CA TYR B 168 5.72 4.60 -21.09
C TYR B 168 4.61 5.37 -20.35
N GLN B 169 4.32 5.00 -19.09
CA GLN B 169 3.30 5.61 -18.27
C GLN B 169 3.62 7.08 -17.97
N VAL B 170 4.91 7.38 -17.68
CA VAL B 170 5.32 8.74 -17.38
C VAL B 170 5.24 9.60 -18.66
N ALA B 171 5.65 9.06 -19.82
CA ALA B 171 5.54 9.78 -21.10
C ALA B 171 4.06 10.12 -21.43
N LYS B 172 3.11 9.16 -21.14
CA LYS B 172 1.66 9.34 -21.38
C LYS B 172 1.10 10.43 -20.47
N GLY B 173 1.47 10.38 -19.18
CA GLY B 173 1.05 11.38 -18.21
C GLY B 173 1.55 12.75 -18.61
N MET B 174 2.83 12.85 -19.06
CA MET B 174 3.45 14.08 -19.55
C MET B 174 2.83 14.60 -20.85
N ALA B 175 2.44 13.69 -21.77
CA ALA B 175 1.75 14.04 -23.02
C ALA B 175 0.37 14.66 -22.68
N PHE B 176 -0.32 14.11 -21.64
CA PHE B 176 -1.60 14.62 -21.17
C PHE B 176 -1.43 16.04 -20.58
N LEU B 177 -0.39 16.25 -19.75
CA LEU B 177 -0.10 17.57 -19.15
C LEU B 177 0.17 18.61 -20.24
N ALA B 178 0.99 18.24 -21.25
CA ALA B 178 1.32 19.07 -22.41
C ALA B 178 0.05 19.43 -23.18
N SER B 179 -0.87 18.45 -23.38
CA SER B 179 -2.15 18.63 -24.10
C SER B 179 -3.10 19.62 -23.41
N LYS B 180 -2.89 19.84 -22.09
CA LYS B 180 -3.66 20.76 -21.26
C LYS B 180 -2.85 22.06 -21.00
N ASN B 181 -1.78 22.30 -21.83
CA ASN B 181 -0.87 23.46 -21.80
C ASN B 181 -0.15 23.66 -20.45
N CYS B 182 0.11 22.55 -19.75
CA CYS B 182 0.80 22.57 -18.46
C CYS B 182 2.25 22.19 -18.59
N ILE B 183 3.13 22.95 -17.91
CA ILE B 183 4.57 22.70 -17.79
C ILE B 183 4.81 22.27 -16.34
N HIS B 184 5.42 21.07 -16.14
CA HIS B 184 5.69 20.52 -14.82
C HIS B 184 6.77 21.35 -14.09
N ARG B 185 7.94 21.57 -14.76
CA ARG B 185 9.13 22.30 -14.27
C ARG B 185 10.02 21.50 -13.30
N ASP B 186 9.50 20.39 -12.72
CA ASP B 186 10.32 19.60 -11.78
C ASP B 186 10.12 18.08 -11.97
N LEU B 187 10.05 17.63 -13.27
CA LEU B 187 9.95 16.23 -13.62
C LEU B 187 11.28 15.52 -13.24
N ALA B 188 11.15 14.47 -12.42
CA ALA B 188 12.23 13.67 -11.85
C ALA B 188 11.57 12.47 -11.16
N ALA B 189 12.31 11.37 -10.95
CA ALA B 189 11.82 10.14 -10.28
C ALA B 189 11.25 10.42 -8.87
N ARG B 190 11.81 11.46 -8.17
CA ARG B 190 11.38 11.93 -6.85
C ARG B 190 9.93 12.53 -6.90
N ASN B 191 9.48 13.00 -8.10
CA ASN B 191 8.13 13.52 -8.34
C ASN B 191 7.24 12.54 -9.12
N ILE B 192 7.47 11.25 -8.90
CA ILE B 192 6.67 10.18 -9.48
C ILE B 192 6.30 9.27 -8.31
N LEU B 193 5.03 8.93 -8.22
CA LEU B 193 4.59 8.00 -7.19
C LEU B 193 4.24 6.67 -7.83
N LEU B 194 4.37 5.61 -7.04
CA LEU B 194 4.04 4.25 -7.46
C LEU B 194 2.98 3.67 -6.51
N THR B 195 1.90 3.19 -7.11
CA THR B 195 0.82 2.52 -6.41
C THR B 195 0.90 1.03 -6.82
N HIS B 196 -0.03 0.18 -6.34
CA HIS B 196 -0.08 -1.24 -6.66
C HIS B 196 -0.29 -1.46 -8.19
N GLY B 197 -0.03 -2.68 -8.66
CA GLY B 197 -0.15 -3.01 -10.08
C GLY B 197 0.90 -2.32 -10.95
N ASN B 198 1.99 -1.83 -10.32
CA ASN B 198 3.11 -1.11 -10.94
C ASN B 198 2.64 0.10 -11.75
N ILE B 199 1.67 0.86 -11.18
CA ILE B 199 1.13 2.06 -11.81
C ILE B 199 1.86 3.32 -11.33
N THR B 200 2.45 4.09 -12.28
CA THR B 200 3.15 5.35 -11.96
C THR B 200 2.18 6.54 -12.05
N LYS B 201 2.38 7.50 -11.14
CA LYS B 201 1.58 8.72 -11.09
C LYS B 201 2.47 9.95 -10.92
N ILE B 202 2.45 10.83 -11.91
CA ILE B 202 3.24 12.06 -11.87
C ILE B 202 2.65 12.93 -10.75
N CYS B 203 3.55 13.46 -9.91
CA CYS B 203 3.13 14.31 -8.81
C CYS B 203 4.07 15.51 -8.75
N ASP B 204 3.84 16.39 -7.79
CA ASP B 204 4.69 17.53 -7.52
C ASP B 204 4.60 17.77 -6.01
N PHE B 205 5.62 17.30 -5.28
CA PHE B 205 5.70 17.49 -3.83
C PHE B 205 5.68 18.98 -3.47
N GLY B 206 6.31 19.79 -4.33
CA GLY B 206 6.42 21.24 -4.20
C GLY B 206 6.91 21.70 -2.84
N LEU B 207 6.03 22.39 -2.11
CA LEU B 207 6.30 22.93 -0.78
C LEU B 207 6.48 21.87 0.33
N ALA B 208 6.02 20.63 0.06
CA ALA B 208 6.14 19.50 0.96
C ALA B 208 7.48 18.74 0.74
N ARG B 209 8.46 19.40 0.09
CA ARG B 209 9.82 18.88 -0.08
C ARG B 209 10.79 19.87 0.55
N ASP B 210 11.73 19.37 1.38
CA ASP B 210 12.76 20.18 2.03
C ASP B 210 13.94 20.41 1.05
N ILE B 211 13.68 21.21 -0.02
CA ILE B 211 14.62 21.56 -1.10
C ILE B 211 15.90 22.20 -0.55
N LYS B 212 15.81 22.91 0.59
CA LYS B 212 16.93 23.54 1.27
C LYS B 212 17.99 22.50 1.70
N ASN B 213 17.54 21.32 2.14
CA ASN B 213 18.46 20.26 2.59
C ASN B 213 18.59 19.09 1.58
N ASP B 214 17.97 19.21 0.39
CA ASP B 214 18.04 18.16 -0.64
C ASP B 214 19.20 18.47 -1.59
N SER B 215 20.21 17.58 -1.63
CA SER B 215 21.41 17.71 -2.47
C SER B 215 21.11 17.71 -3.99
N ASN B 216 19.88 17.32 -4.38
CA ASN B 216 19.45 17.33 -5.79
C ASN B 216 19.04 18.74 -6.29
N TYR B 217 18.95 19.69 -5.35
CA TYR B 217 18.63 21.09 -5.61
C TYR B 217 19.88 21.85 -5.25
N VAL B 218 20.25 22.80 -6.11
CA VAL B 218 21.49 23.57 -6.00
C VAL B 218 21.15 25.06 -5.90
N ASP B 219 21.97 25.81 -5.16
CA ASP B 219 21.86 27.26 -5.05
C ASP B 219 22.30 27.86 -6.38
N LYS B 220 21.38 28.60 -7.03
CA LYS B 220 21.62 29.28 -8.30
C LYS B 220 20.89 30.61 -8.23
N GLY B 221 21.64 31.66 -7.91
CA GLY B 221 21.11 33.00 -7.71
C GLY B 221 20.34 33.05 -6.40
N ASN B 222 19.07 33.50 -6.47
CA ASN B 222 18.21 33.60 -5.29
C ASN B 222 17.29 32.38 -5.14
N ALA B 223 17.59 31.28 -5.86
CA ALA B 223 16.79 30.05 -5.84
C ALA B 223 17.58 28.76 -5.54
N ARG B 224 16.82 27.70 -5.22
CA ARG B 224 17.25 26.36 -4.89
C ARG B 224 16.60 25.49 -5.98
N LEU B 225 17.37 25.23 -7.04
CA LEU B 225 16.88 24.59 -8.27
C LEU B 225 17.43 23.19 -8.59
N PRO B 226 16.61 22.33 -9.30
CA PRO B 226 17.07 20.99 -9.66
C PRO B 226 17.91 20.98 -10.95
N VAL B 227 19.06 21.70 -10.91
CA VAL B 227 20.00 21.96 -12.01
C VAL B 227 20.32 20.72 -12.90
N LYS B 228 20.60 19.54 -12.32
CA LYS B 228 20.95 18.33 -13.10
C LYS B 228 19.81 17.77 -13.96
N TRP B 229 18.56 18.27 -13.77
CA TRP B 229 17.38 17.84 -14.53
C TRP B 229 16.91 18.92 -15.50
N MET B 230 17.50 20.11 -15.37
CA MET B 230 17.12 21.27 -16.16
C MET B 230 17.78 21.38 -17.53
N ALA B 231 17.02 21.87 -18.52
CA ALA B 231 17.51 22.10 -19.88
C ALA B 231 18.44 23.33 -19.85
N PRO B 232 19.49 23.42 -20.73
CA PRO B 232 20.38 24.60 -20.73
C PRO B 232 19.68 25.97 -20.79
N GLU B 233 18.64 26.12 -21.63
CA GLU B 233 17.85 27.36 -21.75
C GLU B 233 17.11 27.72 -20.43
N SER B 234 16.77 26.71 -19.59
CA SER B 234 16.14 26.94 -18.29
C SER B 234 17.19 27.45 -17.30
N ILE B 235 18.40 26.86 -17.33
CA ILE B 235 19.54 27.21 -16.48
C ILE B 235 20.03 28.63 -16.76
N PHE B 236 20.39 28.90 -18.03
CA PHE B 236 21.00 30.15 -18.46
C PHE B 236 20.02 31.29 -18.77
N ASN B 237 18.71 31.01 -19.00
CA ASN B 237 17.76 32.07 -19.35
C ASN B 237 16.43 32.07 -18.56
N SER B 238 16.25 31.11 -17.61
CA SER B 238 15.04 30.92 -16.79
C SER B 238 13.75 30.65 -17.63
N VAL B 239 13.91 30.03 -18.81
CA VAL B 239 12.73 29.73 -19.61
C VAL B 239 12.31 28.28 -19.42
N TYR B 240 11.02 28.09 -19.16
CA TYR B 240 10.38 26.78 -19.00
C TYR B 240 9.32 26.59 -20.06
N THR B 241 9.48 25.54 -20.86
CA THR B 241 8.64 25.22 -22.00
C THR B 241 8.22 23.76 -21.97
N PHE B 242 7.46 23.33 -23.01
CA PHE B 242 7.09 21.94 -23.22
C PHE B 242 8.40 21.15 -23.48
N GLU B 243 9.36 21.80 -24.17
CA GLU B 243 10.67 21.27 -24.58
C GLU B 243 11.65 21.09 -23.42
N SER B 244 11.57 21.96 -22.37
CA SER B 244 12.48 21.78 -21.21
C SER B 244 11.97 20.66 -20.31
N ASP B 245 10.64 20.38 -20.33
CA ASP B 245 10.06 19.25 -19.61
C ASP B 245 10.54 17.95 -20.28
N VAL B 246 10.71 17.97 -21.62
CA VAL B 246 11.20 16.85 -22.44
C VAL B 246 12.67 16.55 -22.04
N TRP B 247 13.50 17.61 -21.87
CA TRP B 247 14.89 17.44 -21.42
C TRP B 247 14.90 16.70 -20.06
N SER B 248 14.05 17.14 -19.10
CA SER B 248 13.92 16.55 -17.75
C SER B 248 13.46 15.09 -17.82
N TYR B 249 12.57 14.77 -18.77
CA TYR B 249 12.11 13.41 -18.99
C TYR B 249 13.30 12.50 -19.37
N GLY B 250 14.22 13.01 -20.19
CA GLY B 250 15.45 12.32 -20.59
C GLY B 250 16.32 12.00 -19.39
N ILE B 251 16.47 12.96 -18.46
CA ILE B 251 17.20 12.78 -17.20
C ILE B 251 16.46 11.74 -16.32
N PHE B 252 15.11 11.81 -16.28
CA PHE B 252 14.29 10.83 -15.60
C PHE B 252 14.56 9.39 -16.16
N LEU B 253 14.64 9.25 -17.51
CA LEU B 253 14.93 7.96 -18.14
C LEU B 253 16.30 7.43 -17.69
N TRP B 254 17.29 8.33 -17.58
CA TRP B 254 18.61 7.95 -17.10
C TRP B 254 18.53 7.41 -15.66
N GLU B 255 17.81 8.10 -14.73
CA GLU B 255 17.66 7.68 -13.33
C GLU B 255 16.98 6.33 -13.26
N LEU B 256 15.93 6.16 -14.06
CA LEU B 256 15.12 4.95 -14.11
C LEU B 256 15.96 3.70 -14.47
N PHE B 257 16.65 3.78 -15.63
CA PHE B 257 17.46 2.69 -16.14
C PHE B 257 18.76 2.51 -15.32
N SER B 258 19.15 3.53 -14.51
CA SER B 258 20.30 3.46 -13.58
C SER B 258 19.87 2.96 -12.21
N LEU B 259 18.59 2.58 -12.08
CA LEU B 259 17.92 2.07 -10.86
C LEU B 259 18.01 3.05 -9.66
N GLY B 260 17.80 4.33 -9.94
CA GLY B 260 17.79 5.39 -8.93
C GLY B 260 19.09 6.10 -8.68
N SER B 261 20.09 5.95 -9.57
CA SER B 261 21.36 6.67 -9.37
C SER B 261 21.16 8.14 -9.66
N SER B 262 21.90 9.01 -8.92
CA SER B 262 21.87 10.46 -9.10
C SER B 262 22.51 10.79 -10.46
N PRO B 263 21.91 11.67 -11.29
CA PRO B 263 22.50 11.98 -12.62
C PRO B 263 23.87 12.66 -12.52
N TYR B 264 24.67 12.58 -13.62
CA TYR B 264 26.06 13.08 -13.70
C TYR B 264 26.87 12.60 -12.49
N PRO B 265 26.93 11.26 -12.23
CA PRO B 265 27.64 10.79 -11.03
C PRO B 265 29.09 11.29 -10.94
N GLY B 266 29.46 11.71 -9.74
CA GLY B 266 30.78 12.22 -9.39
C GLY B 266 31.08 13.62 -9.89
N MET B 267 30.09 14.27 -10.53
CA MET B 267 30.24 15.63 -11.06
C MET B 267 29.47 16.62 -10.19
N PRO B 268 30.15 17.52 -9.44
CA PRO B 268 29.40 18.53 -8.67
C PRO B 268 28.84 19.62 -9.58
N VAL B 269 27.75 20.27 -9.16
CA VAL B 269 27.22 21.38 -9.94
C VAL B 269 28.10 22.60 -9.60
N ASP B 270 29.01 22.95 -10.52
CA ASP B 270 29.95 24.07 -10.43
C ASP B 270 30.16 24.67 -11.83
N SER B 271 31.12 25.61 -11.97
CA SER B 271 31.44 26.24 -13.25
C SER B 271 31.82 25.25 -14.37
N LYS B 272 32.55 24.17 -14.02
CA LYS B 272 32.97 23.11 -14.94
C LYS B 272 31.74 22.35 -15.47
N PHE B 273 30.75 22.07 -14.59
CA PHE B 273 29.49 21.40 -14.97
C PHE B 273 28.73 22.20 -16.05
N TYR B 274 28.50 23.51 -15.82
CA TYR B 274 27.78 24.39 -16.73
C TYR B 274 28.49 24.50 -18.07
N LYS B 275 29.85 24.63 -18.04
CA LYS B 275 30.73 24.69 -19.21
C LYS B 275 30.61 23.42 -20.04
N MET B 276 30.79 22.23 -19.40
CA MET B 276 30.71 20.91 -20.04
C MET B 276 29.35 20.69 -20.74
N ILE B 277 28.21 21.06 -20.07
CA ILE B 277 26.86 20.93 -20.64
C ILE B 277 26.70 21.82 -21.90
N LYS B 278 27.10 23.12 -21.82
CA LYS B 278 27.10 24.11 -22.90
C LYS B 278 27.94 23.61 -24.09
N GLU B 279 29.08 22.96 -23.81
CA GLU B 279 29.99 22.39 -24.81
C GLU B 279 29.51 21.04 -25.42
N GLY B 280 28.34 20.55 -24.98
CA GLY B 280 27.74 19.33 -25.52
C GLY B 280 27.93 18.03 -24.75
N PHE B 281 28.50 18.07 -23.52
CA PHE B 281 28.68 16.86 -22.71
C PHE B 281 27.31 16.29 -22.34
N ARG B 282 27.17 14.96 -22.51
CA ARG B 282 25.96 14.21 -22.17
C ARG B 282 26.33 12.94 -21.46
N MET B 283 25.48 12.48 -20.53
CA MET B 283 25.75 11.21 -19.84
C MET B 283 25.75 10.04 -20.83
N SER B 284 26.60 9.05 -20.54
CA SER B 284 26.67 7.82 -21.32
C SER B 284 25.48 6.96 -20.87
N SER B 285 25.21 5.93 -21.65
CA SER B 285 24.09 5.04 -21.39
C SER B 285 24.21 4.28 -20.07
N PRO B 286 23.12 4.26 -19.25
CA PRO B 286 23.12 3.38 -18.06
C PRO B 286 23.26 1.93 -18.56
N GLU B 287 23.86 1.04 -17.73
CA GLU B 287 24.07 -0.39 -18.01
C GLU B 287 22.81 -1.09 -18.51
N TYR B 288 21.67 -0.84 -17.84
CA TYR B 288 20.40 -1.52 -18.07
C TYR B 288 19.48 -0.85 -19.11
N ALA B 289 19.88 0.31 -19.69
CA ALA B 289 19.05 0.99 -20.69
C ALA B 289 19.07 0.29 -22.04
N PRO B 290 17.91 -0.08 -22.62
CA PRO B 290 17.91 -0.65 -23.98
C PRO B 290 18.39 0.46 -24.92
N ALA B 291 19.09 0.10 -26.00
CA ALA B 291 19.66 1.05 -26.98
C ALA B 291 18.65 2.11 -27.44
N GLU B 292 17.39 1.67 -27.73
CA GLU B 292 16.30 2.55 -28.19
C GLU B 292 15.83 3.54 -27.13
N MET B 293 15.97 3.19 -25.81
CA MET B 293 15.63 4.08 -24.71
C MET B 293 16.70 5.14 -24.53
N TYR B 294 17.98 4.78 -24.78
CA TYR B 294 19.09 5.71 -24.72
C TYR B 294 19.03 6.67 -25.93
N ASP B 295 18.52 6.16 -27.07
CA ASP B 295 18.29 6.98 -28.26
C ASP B 295 17.28 8.10 -27.91
N ILE B 296 16.19 7.77 -27.15
CA ILE B 296 15.22 8.78 -26.69
C ILE B 296 15.95 9.82 -25.79
N MET B 297 16.77 9.36 -24.81
CA MET B 297 17.53 10.24 -23.90
C MET B 297 18.34 11.29 -24.69
N LYS B 298 19.12 10.85 -25.72
CA LYS B 298 19.96 11.70 -26.57
C LYS B 298 19.16 12.80 -27.29
N THR B 299 17.99 12.44 -27.87
CA THR B 299 17.08 13.37 -28.55
C THR B 299 16.47 14.36 -27.55
N CYS B 300 16.09 13.91 -26.33
CA CYS B 300 15.59 14.77 -25.24
C CYS B 300 16.64 15.81 -24.86
N TRP B 301 17.94 15.42 -24.95
CA TRP B 301 19.06 16.27 -24.58
C TRP B 301 19.66 17.07 -25.74
N ASP B 302 18.90 17.25 -26.82
CA ASP B 302 19.38 18.06 -27.92
C ASP B 302 19.51 19.52 -27.43
N ALA B 303 20.64 20.19 -27.76
CA ALA B 303 20.88 21.59 -27.37
C ALA B 303 19.78 22.49 -27.98
N ASP B 304 19.31 22.11 -29.19
CA ASP B 304 18.23 22.80 -29.89
C ASP B 304 16.90 22.24 -29.37
N PRO B 305 16.07 23.09 -28.69
CA PRO B 305 14.77 22.62 -28.16
C PRO B 305 13.82 22.10 -29.23
N ASP B 306 13.90 22.67 -30.45
CA ASP B 306 13.09 22.31 -31.62
C ASP B 306 13.43 20.92 -32.20
N LYS B 307 14.63 20.40 -31.88
CA LYS B 307 15.08 19.09 -32.34
C LYS B 307 14.71 17.97 -31.34
N ARG B 308 14.26 18.34 -30.13
CA ARG B 308 13.81 17.38 -29.10
C ARG B 308 12.45 16.77 -29.52
N PRO B 309 12.16 15.49 -29.18
CA PRO B 309 10.83 14.95 -29.53
C PRO B 309 9.74 15.51 -28.60
N THR B 310 8.46 15.43 -29.03
CA THR B 310 7.36 15.84 -28.14
C THR B 310 7.00 14.60 -27.32
N PHE B 311 6.27 14.75 -26.20
CA PHE B 311 5.82 13.59 -25.40
C PHE B 311 4.93 12.63 -26.22
N LYS B 312 4.11 13.19 -27.13
CA LYS B 312 3.28 12.43 -28.05
C LYS B 312 4.17 11.52 -28.96
N GLN B 313 5.29 12.07 -29.52
CA GLN B 313 6.24 11.30 -30.35
C GLN B 313 6.95 10.22 -29.49
N ILE B 314 7.32 10.57 -28.25
CA ILE B 314 7.95 9.65 -27.28
C ILE B 314 6.99 8.47 -26.97
N VAL B 315 5.69 8.76 -26.72
CA VAL B 315 4.68 7.75 -26.41
C VAL B 315 4.62 6.70 -27.53
N GLN B 316 4.55 7.18 -28.79
CA GLN B 316 4.47 6.35 -29.99
C GLN B 316 5.73 5.48 -30.13
N ASP B 317 6.90 6.06 -29.82
CA ASP B 317 8.20 5.37 -29.85
C ASP B 317 8.24 4.21 -28.83
N ILE B 318 7.89 4.48 -27.54
CA ILE B 318 7.89 3.46 -26.47
C ILE B 318 6.85 2.37 -26.76
N GLU B 319 5.67 2.77 -27.26
CA GLU B 319 4.58 1.87 -27.64
C GLU B 319 5.13 0.79 -28.59
N LYS B 320 5.84 1.21 -29.66
CA LYS B 320 6.49 0.34 -30.66
C LYS B 320 7.51 -0.60 -29.98
N GLN B 321 8.37 -0.05 -29.08
CA GLN B 321 9.38 -0.82 -28.34
C GLN B 321 8.76 -1.93 -27.50
N ILE B 322 7.65 -1.63 -26.77
CA ILE B 322 6.91 -2.58 -25.93
C ILE B 322 6.30 -3.71 -26.78
N SER B 323 5.63 -3.37 -27.90
CA SER B 323 5.00 -4.35 -28.80
C SER B 323 6.04 -5.27 -29.45
N GLU B 324 7.22 -4.72 -29.82
CA GLU B 324 8.32 -5.47 -30.43
C GLU B 324 9.06 -6.36 -29.41
N SER B 325 8.95 -6.05 -28.10
CA SER B 325 9.58 -6.81 -27.01
C SER B 325 8.96 -8.20 -26.83
C1 F8H C . -13.50 -10.93 10.18
C2 F8H C . -12.02 -10.90 10.52
C3 F8H C . -13.76 -11.33 8.73
N6 F8H C . -7.80 -8.68 0.34
C7 F8H C . -11.11 -11.51 2.60
C8 F8H C . -11.14 -10.74 1.46
C9 F8H C . -9.99 -10.59 0.69
C10 F8H C . -8.80 -11.21 1.08
C11 F8H C . -8.77 -11.98 2.24
C12 F8H C . -9.93 -12.13 2.99
C13 F8H C . -7.11 -9.79 0.02
C14 F8H C . -5.80 -9.73 -0.59
C15 F8H C . -5.32 -8.40 -0.81
C16 F8H C . -4.05 -8.20 -1.40
C19 F8H C . -4.95 -10.78 -1.00
C20 F8H C . -1.52 -7.87 -2.58
C21 F8H C . -0.10 -7.99 -2.98
C22 F8H C . 2.05 -8.44 -2.08
F F8H C . -5.38 -12.04 -0.82
C18 F8H C . -3.74 -10.59 -1.57
C17 F8H C . -3.29 -9.29 -1.76
O1 F8H C . -2.05 -9.19 -2.33
O2 F8H C . 0.64 -8.51 -1.90
N5 F8H C . -6.05 -7.28 -0.47
C23 F8H C . -7.22 -7.51 0.07
N4 F8H C . -7.68 -11.00 0.28
N3 F8H C . -12.34 -11.58 3.31
C6 F8H C . -12.46 -11.36 4.64
O F8H C . -11.50 -11.21 5.39
C5 F8H C . -13.90 -11.33 5.15
N F8H C . -13.94 -11.50 6.60
C4 F8H C . -13.47 -10.69 7.56
N1 F8H C . -14.48 -12.61 7.13
N2 F8H C . -14.37 -12.49 8.43
C F8H C . -14.12 -9.59 10.48
CL CL D . -14.73 -24.36 -10.43
CL CL E . -23.45 -17.37 -4.35
C1 F8H F . 0.68 17.80 -11.41
C2 F8H F . -0.65 17.39 -11.98
C3 F8H F . 0.57 18.18 -9.95
N6 F8H F . 0.95 10.89 -2.08
C7 F8H F . 1.29 15.62 -3.79
C8 F8H F . 0.47 14.98 -2.88
C9 F8H F . 0.94 13.91 -2.15
C10 F8H F . 2.25 13.45 -2.31
C11 F8H F . 3.07 14.09 -3.23
C12 F8H F . 2.60 15.16 -3.97
C13 F8H F . 2.14 11.09 -1.50
C14 F8H F . 2.85 10.02 -0.84
C15 F8H F . 2.19 8.75 -0.85
C16 F8H F . 2.78 7.63 -0.23
C19 F8H F . 4.11 10.06 -0.18
C20 F8H F . 3.99 5.42 0.99
C21 F8H F . 4.92 4.40 1.55
C22 F8H F . 7.01 3.32 1.25
F F8H F . 4.77 11.24 -0.15
C18 F8H F . 4.68 8.98 0.41
C17 F8H F . 4.01 7.77 0.38
O1 F8H F . 4.63 6.71 0.99
O2 F8H F . 5.99 4.12 0.66
N5 F8H F . 0.97 8.58 -1.45
C23 F8H F . 0.45 9.65 -2.01
N4 F8H F . 2.69 12.35 -1.54
N3 F8H F . 0.74 16.70 -4.52
C6 F8H F . 0.75 16.81 -5.87
O F8H F . 1.35 16.03 -6.61
C5 F8H F . -0.03 17.99 -6.42
N F8H F . 0.27 18.26 -7.83
C4 F8H F . 0.18 17.44 -8.88
N1 F8H F . 0.70 19.47 -8.21
N2 F8H F . 0.89 19.42 -9.50
C F8H F . 1.79 16.78 -11.71
#